data_1G42
#
_entry.id   1G42
#
_cell.length_a   50.800
_cell.length_b   72.000
_cell.length_c   73.300
_cell.angle_alpha   90.00
_cell.angle_beta   90.00
_cell.angle_gamma   90.00
#
_symmetry.space_group_name_H-M   'P 21 21 2'
#
loop_
_entity.id
_entity.type
_entity.pdbx_description
1 polymer '1,3,4,6-TETRACHLORO-1,4-CYCLOHEXADIENE HYDROLASE'
2 non-polymer 'ACETATE ION'
3 non-polymer 'CALCIUM ION'
4 non-polymer 'CHLORIDE ION'
5 non-polymer 1,2-DICHLORO-PROPANE
6 water water
#
_entity_poly.entity_id   1
_entity_poly.type   'polypeptide(L)'
_entity_poly.pdbx_seq_one_letter_code
;MSLGAKPFGEKKFIEIKGRRMAYIDEGTGDPILFQHGNPTSSYLWRNIMPHCAGLGRLIACDLIGMGDSDKLDPSGPERY
AYAEHRDYLDALWEALDLGDRVVLVVHDWGSALGFDWARRHRERVQGIAYMEAIAMPIEWADFPEQDRDLFQAFRSQAGE
ELVLQDNVFVEQVLPGLILRPLSEAEMAAYREPFLAAGEARRPTLSWPRQIPIAGTPADVVAIARDYAGWLSESPIPKLF
INAEPGALTTGRMRDFCRTWPNQTEITVAGAHFIQEDSPDEIGAAIAAFV(2MR)RLRPA
;
_entity_poly.pdbx_strand_id   A
#
loop_
_chem_comp.id
_chem_comp.type
_chem_comp.name
_chem_comp.formula
ACT non-polymer 'ACETATE ION' 'C2 H3 O2 -1'
CA non-polymer 'CALCIUM ION' 'Ca 2'
CL non-polymer 'CHLORIDE ION' 'Cl -1'
CP2 non-polymer 1,2-DICHLORO-PROPANE 'C3 H6 Cl2'
#
# COMPACT_ATOMS: atom_id res chain seq x y z
N LEU A 3 -7.84 9.39 17.01
CA LEU A 3 -6.94 9.45 15.83
C LEU A 3 -5.59 10.05 16.21
N GLY A 4 -5.10 10.99 15.40
CA GLY A 4 -3.83 11.62 15.67
C GLY A 4 -3.10 11.95 14.38
N ALA A 5 -2.45 13.10 14.35
CA ALA A 5 -1.72 13.54 13.17
C ALA A 5 -0.22 13.30 13.31
N LYS A 6 0.23 12.96 14.51
CA LYS A 6 1.65 12.72 14.74
C LYS A 6 2.08 11.37 14.16
N PRO A 7 3.25 11.35 13.50
CA PRO A 7 3.75 10.09 12.92
C PRO A 7 4.09 9.10 14.02
N PHE A 8 4.17 7.83 13.66
N PHE A 8 4.31 7.85 13.63
CA PHE A 8 4.44 6.75 14.60
CA PHE A 8 4.70 6.80 14.57
C PHE A 8 5.80 6.86 15.28
C PHE A 8 6.21 6.66 14.52
N GLY A 9 6.85 6.43 14.58
N GLY A 9 6.87 6.81 15.66
CA GLY A 9 8.17 6.49 15.15
CA GLY A 9 8.32 6.67 15.71
C GLY A 9 9.01 7.52 14.41
C GLY A 9 9.09 7.78 15.00
N GLU A 10 10.32 7.47 14.62
CA GLU A 10 11.19 8.42 13.92
C GLU A 10 11.67 7.77 12.63
N LYS A 11 11.82 8.58 11.59
CA LYS A 11 12.24 8.07 10.30
C LYS A 11 13.73 7.71 10.30
N LYS A 12 14.03 6.55 9.73
CA LYS A 12 15.41 6.07 9.61
C LYS A 12 15.73 6.02 8.13
N PHE A 13 17.00 6.15 7.78
CA PHE A 13 17.39 6.13 6.37
C PHE A 13 18.47 5.11 6.07
N ILE A 14 18.42 4.57 4.87
CA ILE A 14 19.39 3.57 4.44
C ILE A 14 19.61 3.72 2.94
N GLU A 15 20.85 3.52 2.51
CA GLU A 15 21.21 3.65 1.10
C GLU A 15 20.88 2.39 0.32
N ILE A 16 20.07 2.55 -0.71
CA ILE A 16 19.65 1.43 -1.56
C ILE A 16 19.89 1.78 -3.02
N LYS A 17 20.67 0.95 -3.71
CA LYS A 17 20.96 1.15 -5.12
C LYS A 17 21.40 2.59 -5.40
N GLY A 18 22.23 3.14 -4.54
CA GLY A 18 22.70 4.51 -4.73
C GLY A 18 21.70 5.59 -4.38
N ARG A 19 20.58 5.20 -3.78
CA ARG A 19 19.55 6.15 -3.39
C ARG A 19 19.32 5.99 -1.89
N ARG A 20 18.62 6.96 -1.30
CA ARG A 20 18.33 6.91 0.12
C ARG A 20 16.84 6.67 0.32
N MET A 21 16.50 5.61 1.03
CA MET A 21 15.12 5.26 1.30
C MET A 21 14.83 5.43 2.79
N ALA A 22 13.64 5.92 3.10
CA ALA A 22 13.23 6.16 4.49
C ALA A 22 12.24 5.09 4.96
N TYR A 23 12.27 4.82 6.27
CA TYR A 23 11.39 3.82 6.84
C TYR A 23 11.33 3.95 8.36
N ILE A 24 10.34 3.30 8.95
CA ILE A 24 10.16 3.28 10.39
C ILE A 24 10.51 1.85 10.81
N ASP A 25 11.26 1.71 11.89
CA ASP A 25 11.66 0.40 12.39
C ASP A 25 11.72 0.48 13.91
N GLU A 26 10.66 0.02 14.56
CA GLU A 26 10.56 0.09 16.03
C GLU A 26 10.28 -1.27 16.67
N GLY A 27 11.01 -1.56 17.75
CA GLY A 27 10.80 -2.82 18.45
C GLY A 27 11.71 -3.95 18.03
N THR A 28 11.53 -5.11 18.64
CA THR A 28 12.34 -6.28 18.32
C THR A 28 11.47 -7.50 18.05
N GLY A 29 12.08 -8.53 17.47
CA GLY A 29 11.36 -9.75 17.18
C GLY A 29 11.04 -9.91 15.70
N ASP A 30 10.11 -10.80 15.39
CA ASP A 30 9.73 -11.02 14.01
C ASP A 30 8.98 -9.80 13.49
N PRO A 31 9.28 -9.39 12.26
CA PRO A 31 8.65 -8.22 11.65
C PRO A 31 7.15 -8.28 11.38
N ILE A 32 6.54 -7.11 11.49
CA ILE A 32 5.12 -6.91 11.17
C ILE A 32 5.40 -5.76 10.22
N LEU A 33 5.36 -6.07 8.93
CA LEU A 33 5.67 -5.12 7.86
C LEU A 33 4.47 -4.46 7.22
N PHE A 34 4.34 -3.14 7.42
CA PHE A 34 3.23 -2.38 6.86
C PHE A 34 3.63 -1.64 5.59
N GLN A 35 2.95 -1.93 4.47
CA GLN A 35 3.30 -1.26 3.22
C GLN A 35 2.18 -0.44 2.59
N HIS A 36 2.41 0.86 2.49
CA HIS A 36 1.45 1.80 1.90
C HIS A 36 1.45 1.74 0.38
N GLY A 37 0.48 2.44 -0.21
CA GLY A 37 0.34 2.49 -1.65
C GLY A 37 0.32 3.93 -2.16
N ASN A 38 -0.47 4.20 -3.19
CA ASN A 38 -0.54 5.54 -3.79
C ASN A 38 -1.73 6.38 -3.32
N PRO A 39 -1.49 7.66 -2.97
CA PRO A 39 -0.24 8.43 -2.96
C PRO A 39 0.18 8.69 -1.52
N THR A 40 0.21 7.64 -0.71
CA THR A 40 0.54 7.80 0.70
C THR A 40 1.99 7.49 1.03
N SER A 41 2.25 7.12 2.29
CA SER A 41 3.58 6.78 2.77
C SER A 41 3.41 6.03 4.07
N SER A 42 4.52 5.81 4.78
CA SER A 42 4.46 5.10 6.06
C SER A 42 3.49 5.81 7.00
N TYR A 43 3.31 7.12 6.79
CA TYR A 43 2.42 7.93 7.61
C TYR A 43 1.01 7.36 7.68
N LEU A 44 0.60 6.66 6.62
CA LEU A 44 -0.71 6.05 6.56
C LEU A 44 -1.03 5.13 7.73
N TRP A 45 0.00 4.46 8.24
CA TRP A 45 -0.16 3.49 9.34
C TRP A 45 0.10 4.03 10.74
N ARG A 46 0.32 5.34 10.88
CA ARG A 46 0.64 5.93 12.18
C ARG A 46 -0.26 5.58 13.36
N ASN A 47 -1.56 5.46 13.12
CA ASN A 47 -2.50 5.14 14.19
C ASN A 47 -2.86 3.66 14.28
N ILE A 48 -2.27 2.87 13.39
CA ILE A 48 -2.53 1.43 13.38
C ILE A 48 -1.38 0.66 14.02
N MET A 49 -0.16 1.04 13.66
CA MET A 49 1.02 0.38 14.20
C MET A 49 1.09 0.31 15.72
N PRO A 50 0.61 1.35 16.43
CA PRO A 50 0.65 1.32 17.90
C PRO A 50 -0.04 0.10 18.52
N HIS A 51 -1.09 -0.38 17.88
CA HIS A 51 -1.83 -1.53 18.39
C HIS A 51 -0.99 -2.80 18.44
N CYS A 52 0.10 -2.83 17.67
CA CYS A 52 0.97 -4.01 17.64
C CYS A 52 2.19 -3.85 18.52
N ALA A 53 2.17 -2.86 19.39
CA ALA A 53 3.30 -2.62 20.29
C ALA A 53 3.63 -3.88 21.08
N GLY A 54 4.91 -4.25 21.07
CA GLY A 54 5.35 -5.43 21.80
C GLY A 54 5.07 -6.78 21.16
N LEU A 55 4.40 -6.77 20.01
CA LEU A 55 4.08 -8.02 19.32
C LEU A 55 5.13 -8.37 18.27
N GLY A 56 6.05 -7.46 18.04
CA GLY A 56 7.09 -7.70 17.07
C GLY A 56 7.80 -6.43 16.63
N ARG A 57 8.64 -6.56 15.62
CA ARG A 57 9.40 -5.44 15.07
C ARG A 57 8.48 -4.75 14.07
N LEU A 58 8.03 -3.55 14.41
CA LEU A 58 7.10 -2.79 13.58
C LEU A 58 7.83 -1.94 12.52
N ILE A 59 7.63 -2.33 11.25
CA ILE A 59 8.28 -1.67 10.13
C ILE A 59 7.31 -1.12 9.08
N ALA A 60 7.62 0.07 8.58
CA ALA A 60 6.81 0.71 7.54
C ALA A 60 7.76 1.49 6.63
N CYS A 61 7.91 1.03 5.40
CA CYS A 61 8.82 1.68 4.45
C CYS A 61 8.14 2.67 3.52
N ASP A 62 8.87 3.72 3.15
CA ASP A 62 8.37 4.72 2.21
C ASP A 62 8.87 4.26 0.84
N LEU A 63 7.94 4.00 -0.08
CA LEU A 63 8.34 3.57 -1.41
C LEU A 63 9.24 4.61 -2.05
N ILE A 64 10.09 4.18 -2.97
CA ILE A 64 11.00 5.10 -3.64
C ILE A 64 10.19 6.25 -4.26
N GLY A 65 10.72 7.46 -4.15
CA GLY A 65 10.03 8.62 -4.71
C GLY A 65 8.85 9.09 -3.89
N MET A 66 8.59 8.43 -2.77
CA MET A 66 7.46 8.79 -1.92
C MET A 66 7.88 8.98 -0.47
N GLY A 67 7.02 9.59 0.34
CA GLY A 67 7.36 9.82 1.73
C GLY A 67 8.70 10.55 1.81
N ASP A 68 9.60 10.08 2.66
CA ASP A 68 10.91 10.71 2.80
C ASP A 68 11.99 10.01 1.96
N SER A 69 11.59 9.09 1.10
CA SER A 69 12.56 8.40 0.25
C SER A 69 12.95 9.30 -0.93
N ASP A 70 14.17 9.11 -1.42
CA ASP A 70 14.69 9.90 -2.54
C ASP A 70 13.88 9.78 -3.83
N LYS A 71 13.92 10.83 -4.63
CA LYS A 71 13.25 10.84 -5.92
C LYS A 71 14.24 10.19 -6.88
N LEU A 72 13.75 9.65 -7.99
CA LEU A 72 14.62 9.02 -8.98
C LEU A 72 14.84 9.93 -10.18
N ASP A 73 15.91 10.72 -10.13
CA ASP A 73 16.22 11.62 -11.24
C ASP A 73 17.27 11.00 -12.16
N PRO A 74 17.14 11.20 -13.48
CA PRO A 74 16.08 11.99 -14.14
C PRO A 74 14.76 11.23 -14.18
N SER A 75 13.69 11.91 -13.79
CA SER A 75 12.36 11.30 -13.79
C SER A 75 11.62 11.60 -15.08
N GLY A 76 10.66 10.74 -15.41
CA GLY A 76 9.89 10.93 -16.62
C GLY A 76 8.80 9.87 -16.74
N PRO A 77 8.11 9.80 -17.89
CA PRO A 77 7.03 8.83 -18.14
C PRO A 77 7.42 7.37 -17.92
N GLU A 78 8.69 7.05 -18.10
CA GLU A 78 9.16 5.68 -17.94
C GLU A 78 9.63 5.34 -16.52
N ARG A 79 9.66 6.33 -15.64
CA ARG A 79 10.12 6.11 -14.28
C ARG A 79 8.99 5.74 -13.31
N TYR A 80 9.35 5.02 -12.24
CA TYR A 80 8.40 4.61 -11.20
C TYR A 80 7.35 3.57 -11.60
N ALA A 81 7.70 2.71 -12.55
CA ALA A 81 6.79 1.65 -12.97
C ALA A 81 6.89 0.60 -11.87
N TYR A 82 5.95 -0.35 -11.84
CA TYR A 82 5.96 -1.39 -10.83
C TYR A 82 7.30 -2.10 -10.69
N ALA A 83 7.88 -2.51 -11.81
CA ALA A 83 9.16 -3.22 -11.79
C ALA A 83 10.26 -2.45 -11.07
N GLU A 84 10.32 -1.14 -11.31
CA GLU A 84 11.35 -0.32 -10.68
C GLU A 84 11.09 -0.24 -9.17
N HIS A 85 9.84 -0.02 -8.78
CA HIS A 85 9.49 0.04 -7.36
C HIS A 85 9.86 -1.29 -6.68
N ARG A 86 9.58 -2.39 -7.37
CA ARG A 86 9.89 -3.71 -6.82
C ARG A 86 11.39 -3.90 -6.59
N ASP A 87 12.20 -3.44 -7.54
CA ASP A 87 13.65 -3.60 -7.38
C ASP A 87 14.15 -2.87 -6.14
N TYR A 88 13.64 -1.67 -5.88
CA TYR A 88 14.06 -0.92 -4.70
C TYR A 88 13.51 -1.50 -3.41
N LEU A 89 12.24 -1.89 -3.41
CA LEU A 89 11.63 -2.44 -2.20
C LEU A 89 12.25 -3.79 -1.84
N ASP A 90 12.53 -4.60 -2.86
CA ASP A 90 13.14 -5.92 -2.63
C ASP A 90 14.48 -5.71 -1.92
N ALA A 91 15.26 -4.76 -2.44
CA ALA A 91 16.57 -4.46 -1.88
C ALA A 91 16.50 -3.90 -0.47
N LEU A 92 15.49 -3.06 -0.20
CA LEU A 92 15.34 -2.47 1.13
C LEU A 92 14.95 -3.57 2.12
N TRP A 93 13.99 -4.40 1.75
CA TRP A 93 13.54 -5.47 2.62
C TRP A 93 14.66 -6.48 2.91
N GLU A 94 15.54 -6.67 1.94
CA GLU A 94 16.68 -7.57 2.10
C GLU A 94 17.64 -6.94 3.11
N ALA A 95 17.91 -5.65 2.92
CA ALA A 95 18.82 -4.91 3.78
C ALA A 95 18.36 -4.80 5.23
N LEU A 96 17.05 -4.91 5.46
CA LEU A 96 16.52 -4.80 6.81
C LEU A 96 16.63 -6.10 7.63
N ASP A 97 17.07 -7.18 6.99
CA ASP A 97 17.24 -8.46 7.68
C ASP A 97 15.97 -8.86 8.44
N LEU A 98 14.91 -9.12 7.68
CA LEU A 98 13.60 -9.46 8.22
C LEU A 98 13.42 -10.85 8.84
N GLY A 99 14.29 -11.79 8.49
CA GLY A 99 14.14 -13.13 9.04
C GLY A 99 13.15 -13.94 8.24
N ASP A 100 12.70 -15.08 8.77
CA ASP A 100 11.76 -15.94 8.05
C ASP A 100 10.36 -16.15 8.61
N ARG A 101 9.90 -15.22 9.47
CA ARG A 101 8.54 -15.29 10.02
C ARG A 101 7.94 -13.89 9.97
N VAL A 102 7.79 -13.38 8.75
CA VAL A 102 7.25 -12.05 8.50
C VAL A 102 5.75 -11.97 8.36
N VAL A 103 5.13 -10.97 8.99
CA VAL A 103 3.70 -10.76 8.85
C VAL A 103 3.58 -9.48 8.03
N LEU A 104 2.91 -9.58 6.89
CA LEU A 104 2.71 -8.45 6.00
C LEU A 104 1.33 -7.82 6.22
N VAL A 105 1.28 -6.50 6.20
CA VAL A 105 0.04 -5.73 6.34
C VAL A 105 0.10 -4.81 5.13
N VAL A 106 -0.74 -5.08 4.14
CA VAL A 106 -0.70 -4.32 2.90
C VAL A 106 -1.95 -3.59 2.45
N HIS A 107 -1.75 -2.61 1.57
CA HIS A 107 -2.83 -1.78 1.05
C HIS A 107 -2.49 -1.23 -0.32
N ASP A 108 -3.47 -1.17 -1.21
CA ASP A 108 -3.27 -0.61 -2.55
C ASP A 108 -2.03 -1.18 -3.24
N TRP A 109 -1.14 -0.32 -3.72
CA TRP A 109 0.07 -0.81 -4.39
C TRP A 109 1.00 -1.55 -3.45
N GLY A 110 0.87 -1.29 -2.15
CA GLY A 110 1.70 -1.99 -1.20
C GLY A 110 1.28 -3.46 -1.19
N SER A 111 0.04 -3.73 -1.57
CA SER A 111 -0.45 -5.11 -1.60
C SER A 111 0.04 -5.83 -2.86
N ALA A 112 0.10 -5.11 -3.98
CA ALA A 112 0.60 -5.73 -5.22
C ALA A 112 2.05 -6.10 -4.98
N LEU A 113 2.80 -5.16 -4.40
CA LEU A 113 4.21 -5.38 -4.10
C LEU A 113 4.35 -6.47 -3.03
N GLY A 114 3.55 -6.37 -1.98
CA GLY A 114 3.60 -7.33 -0.89
C GLY A 114 3.16 -8.74 -1.29
N PHE A 115 2.11 -8.84 -2.09
CA PHE A 115 1.63 -10.15 -2.53
C PHE A 115 2.69 -10.82 -3.41
N ASP A 116 3.28 -10.04 -4.30
CA ASP A 116 4.31 -10.56 -5.21
C ASP A 116 5.53 -11.03 -4.42
N TRP A 117 5.95 -10.22 -3.45
CA TRP A 117 7.11 -10.57 -2.63
C TRP A 117 6.82 -11.86 -1.86
N ALA A 118 5.61 -11.97 -1.32
CA ALA A 118 5.21 -13.16 -0.56
C ALA A 118 5.26 -14.40 -1.44
N ARG A 119 4.73 -14.30 -2.66
CA ARG A 119 4.74 -15.45 -3.57
C ARG A 119 6.19 -15.88 -3.84
N ARG A 120 7.08 -14.91 -3.92
CA ARG A 120 8.49 -15.20 -4.19
C ARG A 120 9.31 -15.61 -2.97
N HIS A 121 8.81 -15.32 -1.78
CA HIS A 121 9.49 -15.67 -0.54
C HIS A 121 8.50 -16.32 0.43
N ARG A 122 7.61 -17.14 -0.11
CA ARG A 122 6.56 -17.79 0.68
C ARG A 122 7.00 -18.48 1.97
N GLU A 123 8.19 -19.07 1.98
CA GLU A 123 8.67 -19.74 3.17
C GLU A 123 8.94 -18.80 4.35
N ARG A 124 9.07 -17.51 4.06
CA ARG A 124 9.36 -16.51 5.09
C ARG A 124 8.13 -15.73 5.54
N VAL A 125 6.97 -16.07 4.98
CA VAL A 125 5.74 -15.36 5.32
C VAL A 125 4.85 -16.11 6.30
N GLN A 126 4.73 -15.54 7.49
CA GLN A 126 3.94 -16.12 8.56
C GLN A 126 2.45 -15.78 8.46
N GLY A 127 2.14 -14.61 7.90
CA GLY A 127 0.76 -14.20 7.77
C GLY A 127 0.62 -12.98 6.88
N ILE A 128 -0.55 -12.83 6.28
CA ILE A 128 -0.82 -11.70 5.40
C ILE A 128 -2.14 -11.02 5.72
N ALA A 129 -2.07 -9.75 6.12
CA ALA A 129 -3.26 -8.95 6.41
C ALA A 129 -3.36 -7.96 5.25
N TYR A 130 -4.52 -7.88 4.63
CA TYR A 130 -4.68 -6.96 3.50
C TYR A 130 -6.02 -6.26 3.50
N MET A 131 -6.09 -5.13 2.80
CA MET A 131 -7.30 -4.34 2.71
C MET A 131 -7.22 -3.45 1.48
N GLU A 132 -8.37 -3.24 0.82
CA GLU A 132 -8.43 -2.39 -0.37
C GLU A 132 -7.18 -2.62 -1.19
N ALA A 133 -7.04 -3.86 -1.63
CA ALA A 133 -5.87 -4.30 -2.36
C ALA A 133 -6.12 -4.58 -3.83
N ILE A 134 -5.02 -4.79 -4.56
CA ILE A 134 -5.05 -5.13 -5.96
C ILE A 134 -4.82 -6.64 -5.92
N ALA A 135 -5.89 -7.37 -5.65
CA ALA A 135 -5.83 -8.83 -5.52
C ALA A 135 -5.81 -9.63 -6.81
N MET A 136 -6.11 -8.99 -7.93
CA MET A 136 -6.12 -9.67 -9.23
C MET A 136 -6.26 -8.66 -10.36
N PRO A 137 -6.03 -9.10 -11.60
CA PRO A 137 -6.17 -8.17 -12.73
C PRO A 137 -7.68 -7.89 -12.81
N ILE A 138 -8.06 -6.69 -13.21
CA ILE A 138 -9.49 -6.37 -13.30
C ILE A 138 -9.86 -5.77 -14.64
N GLU A 139 -11.15 -5.50 -14.80
CA GLU A 139 -11.69 -4.91 -16.02
C GLU A 139 -12.24 -3.55 -15.60
N TRP A 140 -12.50 -2.68 -16.58
CA TRP A 140 -13.04 -1.37 -16.25
C TRP A 140 -14.36 -1.45 -15.48
N ALA A 141 -15.16 -2.47 -15.79
CA ALA A 141 -16.45 -2.64 -15.12
C ALA A 141 -16.27 -2.94 -13.63
N ASP A 142 -15.08 -3.39 -13.25
CA ASP A 142 -14.78 -3.70 -11.85
C ASP A 142 -14.23 -2.48 -11.12
N PHE A 143 -13.86 -1.45 -11.85
CA PHE A 143 -13.30 -0.26 -11.22
C PHE A 143 -14.39 0.62 -10.62
N PRO A 144 -14.15 1.16 -9.41
CA PRO A 144 -15.13 2.02 -8.75
C PRO A 144 -15.73 3.01 -9.75
N GLU A 145 -17.05 2.98 -9.85
CA GLU A 145 -17.79 3.82 -10.78
C GLU A 145 -17.53 5.33 -10.67
N GLN A 146 -17.50 5.85 -9.45
CA GLN A 146 -17.31 7.29 -9.27
C GLN A 146 -15.95 7.85 -9.67
N ASP A 147 -14.93 7.01 -9.67
N ASP A 147 -14.91 7.02 -9.67
CA ASP A 147 -13.58 7.43 -10.01
CA ASP A 147 -13.58 7.49 -10.06
C ASP A 147 -13.11 6.86 -11.35
C ASP A 147 -13.11 6.89 -11.37
N ARG A 148 -13.97 6.09 -12.00
CA ARG A 148 -13.62 5.46 -13.27
C ARG A 148 -13.12 6.41 -14.35
N ASP A 149 -13.88 7.46 -14.67
CA ASP A 149 -13.48 8.40 -15.71
C ASP A 149 -12.17 9.12 -15.38
N LEU A 150 -11.98 9.45 -14.11
CA LEU A 150 -10.75 10.15 -13.71
C LEU A 150 -9.53 9.26 -13.91
N PHE A 151 -9.64 7.98 -13.56
CA PHE A 151 -8.50 7.10 -13.74
C PHE A 151 -8.24 6.79 -15.21
N GLN A 152 -9.29 6.82 -16.02
CA GLN A 152 -9.10 6.57 -17.44
C GLN A 152 -8.33 7.78 -17.98
N ALA A 153 -8.59 8.95 -17.40
CA ALA A 153 -7.90 10.19 -17.80
C ALA A 153 -6.43 10.15 -17.36
N PHE A 154 -6.19 9.59 -16.17
CA PHE A 154 -4.81 9.48 -15.69
C PHE A 154 -4.03 8.64 -16.69
N ARG A 155 -4.69 7.59 -17.18
CA ARG A 155 -4.09 6.68 -18.14
C ARG A 155 -4.19 7.19 -19.58
N SER A 156 -4.16 8.50 -19.73
CA SER A 156 -4.21 9.13 -21.05
C SER A 156 -3.22 10.29 -21.03
N GLN A 157 -3.13 11.01 -22.15
CA GLN A 157 -2.22 12.13 -22.25
C GLN A 157 -2.56 13.26 -21.28
N ALA A 158 -3.79 13.26 -20.77
CA ALA A 158 -4.23 14.30 -19.84
C ALA A 158 -3.67 14.08 -18.43
N GLY A 159 -3.08 12.91 -18.21
CA GLY A 159 -2.53 12.59 -16.91
C GLY A 159 -1.45 13.52 -16.37
N GLU A 160 -0.54 13.95 -17.23
CA GLU A 160 0.53 14.86 -16.79
C GLU A 160 0.01 16.15 -16.18
N GLU A 161 -0.95 16.79 -16.82
CA GLU A 161 -1.50 18.04 -16.29
C GLU A 161 -2.28 17.81 -14.99
N LEU A 162 -3.10 16.77 -14.98
CA LEU A 162 -3.88 16.45 -13.80
C LEU A 162 -3.02 16.19 -12.56
N VAL A 163 -2.00 15.37 -12.73
CA VAL A 163 -1.15 15.00 -11.60
C VAL A 163 0.13 15.82 -11.41
N LEU A 164 0.96 15.91 -12.44
CA LEU A 164 2.22 16.65 -12.29
C LEU A 164 2.00 18.14 -12.06
N GLN A 165 1.06 18.73 -12.78
CA GLN A 165 0.79 20.15 -12.63
C GLN A 165 -0.17 20.48 -11.48
N ASP A 166 -1.29 19.77 -11.42
CA ASP A 166 -2.28 20.05 -10.41
C ASP A 166 -2.35 19.16 -9.17
N ASN A 167 -1.51 18.13 -9.11
CA ASN A 167 -1.45 17.23 -7.96
C ASN A 167 -2.81 16.63 -7.57
N VAL A 168 -3.58 16.23 -8.56
CA VAL A 168 -4.91 15.68 -8.34
C VAL A 168 -5.00 14.42 -7.47
N PHE A 169 -4.04 13.50 -7.61
CA PHE A 169 -4.13 12.29 -6.81
C PHE A 169 -4.04 12.61 -5.32
N VAL A 170 -3.13 13.52 -4.95
CA VAL A 170 -2.94 13.91 -3.56
C VAL A 170 -4.06 14.81 -3.03
N GLU A 171 -4.39 15.84 -3.79
CA GLU A 171 -5.40 16.82 -3.36
C GLU A 171 -6.87 16.50 -3.60
N GLN A 172 -7.16 15.63 -4.57
CA GLN A 172 -8.55 15.28 -4.87
C GLN A 172 -8.91 13.84 -4.52
N VAL A 173 -8.19 12.89 -5.11
CA VAL A 173 -8.47 11.48 -4.88
C VAL A 173 -8.34 11.06 -3.42
N LEU A 174 -7.22 11.41 -2.79
CA LEU A 174 -6.99 11.05 -1.39
C LEU A 174 -8.14 11.46 -0.47
N PRO A 175 -8.45 12.78 -0.39
CA PRO A 175 -9.55 13.21 0.49
C PRO A 175 -10.89 12.64 0.04
N GLY A 176 -11.07 12.54 -1.27
CA GLY A 176 -12.30 12.02 -1.82
C GLY A 176 -12.62 10.59 -1.42
N LEU A 177 -11.59 9.82 -1.07
CA LEU A 177 -11.81 8.43 -0.68
C LEU A 177 -11.59 8.14 0.80
N ILE A 178 -11.80 9.18 1.61
CA ILE A 178 -11.70 9.10 3.07
C ILE A 178 -13.03 9.70 3.53
N LEU A 179 -13.77 8.97 4.37
CA LEU A 179 -15.07 9.43 4.84
C LEU A 179 -15.08 10.58 5.84
N ARG A 180 -14.09 10.64 6.71
CA ARG A 180 -14.04 11.71 7.71
C ARG A 180 -13.10 12.83 7.28
N PRO A 181 -13.36 14.06 7.75
CA PRO A 181 -12.53 15.20 7.39
C PRO A 181 -11.10 15.15 7.95
N LEU A 182 -10.12 15.37 7.09
CA LEU A 182 -8.72 15.37 7.49
C LEU A 182 -8.33 16.73 8.03
N SER A 183 -7.40 16.74 8.97
CA SER A 183 -6.95 17.99 9.57
C SER A 183 -5.88 18.65 8.69
N GLU A 184 -5.54 19.89 9.03
CA GLU A 184 -4.52 20.64 8.31
C GLU A 184 -3.19 19.88 8.32
N ALA A 185 -2.78 19.43 9.50
CA ALA A 185 -1.52 18.71 9.65
C ALA A 185 -1.50 17.38 8.90
N GLU A 186 -2.63 16.68 8.88
CA GLU A 186 -2.67 15.40 8.17
C GLU A 186 -2.46 15.60 6.68
N MET A 187 -3.13 16.57 6.08
CA MET A 187 -2.94 16.82 4.66
C MET A 187 -1.52 17.34 4.39
N ALA A 188 -0.96 18.09 5.33
CA ALA A 188 0.39 18.62 5.16
C ALA A 188 1.37 17.46 5.06
N ALA A 189 1.16 16.44 5.87
CA ALA A 189 2.02 15.26 5.86
C ALA A 189 1.90 14.52 4.55
N TYR A 190 0.68 14.47 4.01
CA TYR A 190 0.46 13.76 2.76
C TYR A 190 0.96 14.50 1.51
N ARG A 191 0.89 15.84 1.52
CA ARG A 191 1.36 16.56 0.34
C ARG A 191 2.83 16.96 0.39
N GLU A 192 3.44 16.86 1.57
N GLU A 192 3.44 16.88 1.57
CA GLU A 192 4.84 17.22 1.77
CA GLU A 192 4.85 17.25 1.73
C GLU A 192 5.80 16.68 0.70
C GLU A 192 5.80 16.69 0.67
N PRO A 193 5.71 15.37 0.39
CA PRO A 193 6.62 14.79 -0.62
C PRO A 193 6.32 15.27 -2.04
N PHE A 194 5.17 15.92 -2.21
CA PHE A 194 4.73 16.38 -3.52
C PHE A 194 4.39 17.87 -3.61
N LEU A 195 5.04 18.66 -2.77
CA LEU A 195 4.81 20.11 -2.77
C LEU A 195 5.22 20.77 -4.07
N ALA A 196 6.25 20.24 -4.72
CA ALA A 196 6.73 20.81 -5.97
C ALA A 196 6.04 20.24 -7.20
N ALA A 197 5.57 21.13 -8.08
CA ALA A 197 4.92 20.69 -9.31
C ALA A 197 5.98 20.03 -10.19
N GLY A 198 5.54 19.15 -11.08
CA GLY A 198 6.51 18.49 -11.96
C GLY A 198 6.79 17.04 -11.62
N GLU A 199 8.00 16.60 -11.96
CA GLU A 199 8.41 15.22 -11.74
C GLU A 199 8.37 14.72 -10.31
N ALA A 200 8.43 15.62 -9.34
CA ALA A 200 8.37 15.21 -7.94
C ALA A 200 7.10 14.42 -7.69
N ARG A 201 6.06 14.70 -8.49
CA ARG A 201 4.77 14.04 -8.37
C ARG A 201 4.59 12.84 -9.30
N ARG A 202 5.60 12.56 -10.12
CA ARG A 202 5.52 11.45 -11.08
C ARG A 202 5.05 10.11 -10.48
N PRO A 203 5.54 9.73 -9.29
CA PRO A 203 5.09 8.46 -8.72
C PRO A 203 3.57 8.34 -8.60
N THR A 204 2.91 9.46 -8.31
CA THR A 204 1.46 9.44 -8.14
C THR A 204 0.70 9.33 -9.46
N LEU A 205 1.41 9.49 -10.57
CA LEU A 205 0.82 9.36 -11.90
C LEU A 205 1.20 8.02 -12.51
N SER A 206 2.45 7.60 -12.30
CA SER A 206 2.90 6.33 -12.84
C SER A 206 2.13 5.17 -12.20
N TRP A 207 1.76 5.31 -10.92
CA TRP A 207 1.02 4.24 -10.24
C TRP A 207 -0.34 3.92 -10.88
N PRO A 208 -1.17 4.93 -11.14
CA PRO A 208 -2.46 4.58 -11.77
C PRO A 208 -2.29 4.00 -13.17
N ARG A 209 -1.21 4.36 -13.85
CA ARG A 209 -0.94 3.85 -15.19
C ARG A 209 -0.43 2.41 -15.14
N GLN A 210 -0.15 1.93 -13.94
CA GLN A 210 0.35 0.57 -13.76
C GLN A 210 -0.73 -0.41 -13.28
N ILE A 211 -1.89 0.11 -12.87
CA ILE A 211 -2.95 -0.79 -12.41
C ILE A 211 -3.32 -1.78 -13.50
N PRO A 212 -3.35 -3.08 -13.17
CA PRO A 212 -3.69 -4.11 -14.16
C PRO A 212 -5.17 -4.06 -14.52
N ILE A 213 -5.51 -3.25 -15.52
CA ILE A 213 -6.89 -3.10 -15.94
C ILE A 213 -7.05 -3.38 -17.43
N ALA A 214 -7.98 -4.26 -17.77
CA ALA A 214 -8.25 -4.59 -19.16
C ALA A 214 -7.01 -5.05 -19.94
N GLY A 215 -6.15 -5.82 -19.28
CA GLY A 215 -4.96 -6.36 -19.92
C GLY A 215 -3.71 -5.48 -20.02
N THR A 216 -3.80 -4.24 -19.55
CA THR A 216 -2.67 -3.31 -19.62
C THR A 216 -2.37 -2.68 -18.26
N PRO A 217 -1.08 -2.58 -17.89
CA PRO A 217 0.10 -3.03 -18.64
C PRO A 217 0.25 -4.55 -18.53
N ALA A 218 0.67 -5.19 -19.61
CA ALA A 218 0.83 -6.64 -19.65
C ALA A 218 1.73 -7.26 -18.59
N ASP A 219 2.84 -6.61 -18.27
CA ASP A 219 3.73 -7.19 -17.27
C ASP A 219 3.11 -7.23 -15.88
N VAL A 220 2.43 -6.17 -15.47
CA VAL A 220 1.79 -6.14 -14.16
C VAL A 220 0.58 -7.08 -14.12
N VAL A 221 -0.11 -7.21 -15.25
CA VAL A 221 -1.27 -8.10 -15.32
C VAL A 221 -0.79 -9.52 -15.04
N ALA A 222 0.33 -9.90 -15.65
CA ALA A 222 0.89 -11.24 -15.47
C ALA A 222 1.31 -11.47 -14.02
N ILE A 223 1.95 -10.46 -13.44
CA ILE A 223 2.41 -10.55 -12.06
C ILE A 223 1.21 -10.72 -11.12
N ALA A 224 0.16 -9.94 -11.37
CA ALA A 224 -1.04 -10.03 -10.54
C ALA A 224 -1.76 -11.37 -10.74
N ARG A 225 -1.80 -11.84 -11.99
CA ARG A 225 -2.45 -13.12 -12.27
C ARG A 225 -1.72 -14.20 -11.49
N ASP A 226 -0.40 -14.05 -11.41
CA ASP A 226 0.46 -14.99 -10.70
C ASP A 226 0.19 -15.05 -9.20
N TYR A 227 0.24 -13.91 -8.51
CA TYR A 227 0.00 -13.96 -7.08
C TYR A 227 -1.47 -14.20 -6.74
N ALA A 228 -2.37 -13.88 -7.68
CA ALA A 228 -3.79 -14.11 -7.45
C ALA A 228 -4.00 -15.63 -7.40
N GLY A 229 -3.46 -16.33 -8.38
CA GLY A 229 -3.60 -17.78 -8.40
C GLY A 229 -2.98 -18.42 -7.18
N TRP A 230 -1.77 -17.96 -6.82
CA TRP A 230 -1.07 -18.49 -5.67
C TRP A 230 -1.83 -18.26 -4.36
N LEU A 231 -2.27 -17.02 -4.14
CA LEU A 231 -2.99 -16.70 -2.91
C LEU A 231 -4.29 -17.49 -2.76
N SER A 232 -4.92 -17.83 -3.88
CA SER A 232 -6.17 -18.58 -3.83
C SER A 232 -5.95 -20.04 -3.42
N GLU A 233 -4.69 -20.47 -3.39
CA GLU A 233 -4.36 -21.84 -3.01
C GLU A 233 -3.46 -21.94 -1.78
N SER A 234 -2.79 -20.85 -1.43
CA SER A 234 -1.88 -20.84 -0.28
C SER A 234 -2.55 -21.01 1.08
N PRO A 235 -1.97 -21.87 1.95
CA PRO A 235 -2.52 -22.11 3.29
C PRO A 235 -2.01 -21.10 4.32
N ILE A 236 -1.20 -20.14 3.89
CA ILE A 236 -0.69 -19.13 4.80
C ILE A 236 -1.88 -18.38 5.40
N PRO A 237 -1.89 -18.18 6.73
CA PRO A 237 -2.99 -17.46 7.39
C PRO A 237 -3.16 -16.05 6.82
N LYS A 238 -4.41 -15.65 6.62
CA LYS A 238 -4.71 -14.33 6.08
C LYS A 238 -5.78 -13.61 6.88
N LEU A 239 -5.72 -12.28 6.85
CA LEU A 239 -6.70 -11.44 7.51
C LEU A 239 -7.18 -10.46 6.44
N PHE A 240 -8.44 -10.59 6.04
CA PHE A 240 -9.01 -9.72 5.03
C PHE A 240 -9.85 -8.66 5.72
N ILE A 241 -9.40 -7.42 5.68
CA ILE A 241 -10.15 -6.33 6.27
C ILE A 241 -10.99 -5.71 5.18
N ASN A 242 -12.25 -6.15 5.11
CA ASN A 242 -13.20 -5.65 4.12
C ASN A 242 -13.66 -4.26 4.56
N ALA A 243 -14.07 -3.44 3.59
CA ALA A 243 -14.53 -2.10 3.90
C ALA A 243 -15.94 -1.84 3.39
N GLU A 244 -16.67 -0.98 4.11
CA GLU A 244 -18.03 -0.60 3.74
C GLU A 244 -18.08 0.93 3.72
N PRO A 245 -18.41 1.51 2.55
CA PRO A 245 -18.72 0.86 1.27
C PRO A 245 -17.52 0.26 0.54
N GLY A 246 -16.31 0.68 0.92
CA GLY A 246 -15.14 0.16 0.24
C GLY A 246 -15.02 0.83 -1.11
N ALA A 247 -14.04 0.43 -1.91
CA ALA A 247 -13.85 1.03 -3.23
C ALA A 247 -13.26 0.05 -4.23
N LEU A 248 -11.98 -0.25 -4.08
CA LEU A 248 -11.29 -1.16 -4.99
C LEU A 248 -11.65 -2.63 -4.74
N THR A 249 -11.60 -3.06 -3.48
CA THR A 249 -11.92 -4.44 -3.17
C THR A 249 -13.41 -4.64 -2.88
N THR A 250 -14.17 -4.61 -3.96
CA THR A 250 -15.62 -4.79 -3.93
C THR A 250 -15.96 -5.62 -5.16
N GLY A 251 -17.25 -5.86 -5.40
CA GLY A 251 -17.67 -6.62 -6.56
C GLY A 251 -16.91 -7.92 -6.78
N ARG A 252 -16.50 -8.16 -8.03
CA ARG A 252 -15.79 -9.39 -8.37
C ARG A 252 -14.50 -9.65 -7.60
N MET A 253 -13.69 -8.61 -7.39
CA MET A 253 -12.44 -8.80 -6.66
C MET A 253 -12.72 -9.28 -5.24
N ARG A 254 -13.73 -8.70 -4.59
CA ARG A 254 -14.08 -9.10 -3.24
C ARG A 254 -14.58 -10.53 -3.24
N ASP A 255 -15.37 -10.90 -4.25
CA ASP A 255 -15.88 -12.26 -4.34
C ASP A 255 -14.69 -13.21 -4.45
N PHE A 256 -13.68 -12.81 -5.22
CA PHE A 256 -12.48 -13.61 -5.40
C PHE A 256 -11.70 -13.74 -4.08
N CYS A 257 -11.43 -12.61 -3.44
CA CYS A 257 -10.71 -12.63 -2.17
C CYS A 257 -11.38 -13.51 -1.14
N ARG A 258 -12.71 -13.55 -1.17
CA ARG A 258 -13.43 -14.37 -0.20
C ARG A 258 -13.30 -15.88 -0.43
N THR A 259 -12.61 -16.29 -1.49
CA THR A 259 -12.41 -17.71 -1.76
C THR A 259 -11.04 -18.14 -1.23
N TRP A 260 -10.23 -17.18 -0.80
CA TRP A 260 -8.89 -17.50 -0.30
C TRP A 260 -8.93 -18.32 0.97
N PRO A 261 -8.08 -19.35 1.06
CA PRO A 261 -7.97 -20.27 2.22
C PRO A 261 -7.42 -19.69 3.50
N ASN A 262 -7.77 -20.33 4.62
CA ASN A 262 -7.29 -19.96 5.94
C ASN A 262 -7.35 -18.45 6.16
N GLN A 263 -8.51 -17.88 5.89
CA GLN A 263 -8.69 -16.45 6.01
C GLN A 263 -9.75 -16.01 7.01
N THR A 264 -9.41 -14.98 7.78
CA THR A 264 -10.31 -14.39 8.76
C THR A 264 -10.74 -13.08 8.11
N GLU A 265 -11.99 -12.68 8.30
CA GLU A 265 -12.46 -11.44 7.70
C GLU A 265 -13.29 -10.61 8.66
N ILE A 266 -13.12 -9.30 8.59
CA ILE A 266 -13.90 -8.37 9.38
C ILE A 266 -14.20 -7.20 8.45
N THR A 267 -15.26 -6.45 8.76
CA THR A 267 -15.62 -5.30 7.94
C THR A 267 -15.54 -4.03 8.77
N VAL A 268 -14.92 -3.01 8.21
CA VAL A 268 -14.79 -1.73 8.89
C VAL A 268 -15.31 -0.64 7.97
N ALA A 269 -15.66 0.51 8.55
CA ALA A 269 -16.16 1.62 7.76
C ALA A 269 -15.03 2.27 6.96
N GLY A 270 -15.31 2.63 5.71
CA GLY A 270 -14.30 3.27 4.90
C GLY A 270 -14.51 3.07 3.41
N ALA A 271 -13.83 3.90 2.62
CA ALA A 271 -13.90 3.81 1.16
C ALA A 271 -12.63 3.13 0.68
N HIS A 272 -11.59 3.90 0.40
CA HIS A 272 -10.32 3.31 -0.03
C HIS A 272 -9.23 3.44 1.03
N PHE A 273 -8.96 4.68 1.47
CA PHE A 273 -7.93 4.90 2.48
C PHE A 273 -8.53 4.68 3.86
N ILE A 274 -9.05 3.48 4.07
CA ILE A 274 -9.74 3.12 5.31
C ILE A 274 -8.95 3.30 6.60
N GLN A 275 -7.63 3.42 6.50
CA GLN A 275 -6.80 3.61 7.67
C GLN A 275 -7.12 4.94 8.38
N GLU A 276 -7.64 5.90 7.62
CA GLU A 276 -7.99 7.20 8.18
C GLU A 276 -9.39 7.21 8.78
N ASP A 277 -10.20 6.19 8.44
CA ASP A 277 -11.56 6.13 8.96
C ASP A 277 -11.76 5.17 10.12
N SER A 278 -11.08 4.03 10.10
CA SER A 278 -11.22 3.05 11.17
C SER A 278 -9.87 2.50 11.62
N PRO A 279 -8.95 3.38 12.06
CA PRO A 279 -7.64 2.90 12.50
C PRO A 279 -7.64 1.99 13.72
N ASP A 280 -8.54 2.23 14.67
CA ASP A 280 -8.57 1.39 15.87
C ASP A 280 -9.13 0.00 15.59
N GLU A 281 -10.13 -0.08 14.72
CA GLU A 281 -10.73 -1.36 14.38
C GLU A 281 -9.70 -2.19 13.64
N ILE A 282 -9.01 -1.54 12.70
CA ILE A 282 -7.98 -2.19 11.89
C ILE A 282 -6.79 -2.63 12.74
N GLY A 283 -6.30 -1.73 13.58
CA GLY A 283 -5.17 -2.06 14.44
C GLY A 283 -5.50 -3.20 15.38
N ALA A 284 -6.70 -3.18 15.95
CA ALA A 284 -7.13 -4.22 16.88
C ALA A 284 -7.22 -5.57 16.17
N ALA A 285 -7.70 -5.57 14.93
CA ALA A 285 -7.83 -6.80 14.16
C ALA A 285 -6.45 -7.37 13.82
N ILE A 286 -5.54 -6.51 13.40
CA ILE A 286 -4.20 -6.95 13.05
C ILE A 286 -3.47 -7.51 14.28
N ALA A 287 -3.62 -6.82 15.41
CA ALA A 287 -2.98 -7.26 16.65
C ALA A 287 -3.48 -8.64 17.09
N ALA A 288 -4.79 -8.86 16.99
CA ALA A 288 -5.37 -10.15 17.38
C ALA A 288 -4.86 -11.24 16.44
N PHE A 289 -4.76 -10.91 15.15
CA PHE A 289 -4.26 -11.80 14.12
C PHE A 289 -2.84 -12.23 14.51
N VAL A 290 -1.99 -11.25 14.79
CA VAL A 290 -0.62 -11.53 15.18
C VAL A 290 -0.51 -12.33 16.48
N 2MR A 291 -1.36 -12.02 17.46
CA 2MR A 291 -1.30 -12.77 18.72
CB 2MR A 291 -2.27 -12.19 19.75
CG 2MR A 291 -1.85 -10.81 20.24
CD 2MR A 291 -2.61 -10.37 21.49
NE 2MR A 291 -2.18 -9.03 21.89
CZ 2MR A 291 -2.79 -7.87 21.59
NH1 2MR A 291 -2.24 -6.74 22.01
CQ1 2MR A 291 -0.99 -6.75 22.76
NH2 2MR A 291 -3.97 -7.79 20.96
CQ2 2MR A 291 -4.74 -8.94 20.50
C 2MR A 291 -1.62 -14.25 18.49
O 2MR A 291 -1.08 -15.13 19.17
N ARG A 292 -2.50 -14.54 17.54
CA ARG A 292 -2.86 -15.92 17.24
C ARG A 292 -1.73 -16.60 16.47
N LEU A 293 -1.02 -15.81 15.67
CA LEU A 293 0.09 -16.34 14.88
C LEU A 293 1.35 -16.51 15.73
N ARG A 294 1.41 -15.77 16.84
CA ARG A 294 2.57 -15.81 17.72
C ARG A 294 2.21 -16.08 19.17
N PRO A 295 1.64 -17.26 19.45
CA PRO A 295 1.25 -17.63 20.81
C PRO A 295 2.44 -17.83 21.72
N ALA A 296 2.27 -17.46 22.98
CA ALA A 296 3.32 -17.59 23.97
C ALA A 296 3.32 -18.99 24.59
C ACT B . -20.20 -12.04 3.94
O ACT B . -20.74 -10.87 3.71
OXT ACT B . -18.96 -12.30 4.13
CH3 ACT B . -21.19 -13.17 3.97
CA CA C . 12.83 -17.17 14.49
CA CA D . -13.58 13.01 2.18
CA CA E . -15.44 6.75 -19.23
CL CL F . -3.06 4.11 -8.32
CL1 CP2 G . -7.45 5.45 -5.04
C2 CP2 G . -7.27 3.75 -5.47
C3 CP2 G . -8.47 3.32 -6.32
C4 CP2 G . -8.15 1.98 -7.03
CL5 CP2 G . -9.91 3.16 -5.30
CL1 CP2 H . -7.29 5.50 -4.99
C2 CP2 H . -7.03 3.80 -5.39
C3 CP2 H . -8.14 3.29 -6.30
C4 CP2 H . -9.40 2.96 -5.46
CL5 CP2 H . -7.59 1.85 -7.18
CL1 CP2 I . 15.09 -15.92 14.29
C2 CP2 I . 15.27 -14.32 15.01
C3 CP2 I . 13.94 -13.56 14.89
C4 CP2 I . 13.88 -12.43 15.93
CL5 CP2 I . 12.59 -14.67 15.11
#